data_3A2J
#
_entry.id   3A2J
#
_cell.length_a   44.687
_cell.length_b   51.393
_cell.length_c   131.846
_cell.angle_alpha   90.00
_cell.angle_beta   90.00
_cell.angle_gamma   90.00
#
_symmetry.space_group_name_H-M   'P 21 21 21'
#
loop_
_entity.id
_entity.type
_entity.pdbx_description
1 polymer 'Vitamin D3 receptor'
2 non-polymer (1S,3R,5Z,7E,20S,23S)-1,3-dihydroxy-23,26-epoxy-9,10-secocholesta-5,7,10,25(27)-tetraen-26-one
3 water water
#
_entity_poly.entity_id   1
_entity_poly.type   'polypeptide(L)'
_entity_poly.pdbx_seq_one_letter_code
;GSHMDSLRPKLSEEQQRIIAILLDAHHKTYDPTYSDFCQFRPPVRVNDGGGSVTLELSQLSMLPHLADLVSYSIQKVIGF
AKMIPGFRDLTSEDQIVLLKSSAIEVIMLRSNESFTMDDMSWTCGNQDYKYRVSDVTKAGFSLELIEPLIKFQVGLKKLN
LHEEEHVLLMAICIVSPDRPGVQDAALIEAIQDRLSNTLQTYIRCRHPPPGSHLLYAKMIQKLADLRSLNEEFSKQYRCL
SFQPECSMKLTPLVLEVFGNEIS
;
_entity_poly.pdbx_strand_id   A
#
loop_
_chem_comp.id
_chem_comp.type
_chem_comp.name
_chem_comp.formula
TEJ non-polymer (1S,3R,5Z,7E,20S,23S)-1,3-dihydroxy-23,26-epoxy-9,10-secocholesta-5,7,10,25(27)-tetraen-26-one 'C27 H38 O4'
#
# COMPACT_ATOMS: atom_id res chain seq x y z
N ASP A 5 -32.69 -5.06 12.12
CA ASP A 5 -33.33 -4.93 10.79
C ASP A 5 -32.42 -5.33 9.63
N SER A 6 -31.15 -4.95 9.72
CA SER A 6 -30.20 -5.25 8.63
C SER A 6 -29.92 -6.75 8.54
N LEU A 7 -30.15 -7.29 7.34
CA LEU A 7 -29.96 -8.71 7.05
C LEU A 7 -28.48 -9.08 7.06
N ARG A 8 -28.20 -10.35 7.34
CA ARG A 8 -26.84 -10.85 7.36
C ARG A 8 -26.68 -12.08 6.45
N PRO A 9 -26.78 -11.88 5.12
CA PRO A 9 -26.67 -13.01 4.19
C PRO A 9 -25.33 -13.73 4.30
N LYS A 10 -25.35 -15.04 4.08
CA LYS A 10 -24.15 -15.86 4.13
C LYS A 10 -23.27 -15.59 2.91
N LEU A 11 -21.97 -15.83 3.06
CA LEU A 11 -21.03 -15.73 1.95
C LEU A 11 -21.29 -16.85 0.94
N SER A 12 -21.42 -16.48 -0.32
CA SER A 12 -21.61 -17.45 -1.40
C SER A 12 -20.33 -18.26 -1.63
N GLU A 13 -20.45 -19.38 -2.36
CA GLU A 13 -19.30 -20.20 -2.71
C GLU A 13 -18.26 -19.41 -3.50
N GLU A 14 -18.74 -18.50 -4.34
CA GLU A 14 -17.87 -17.61 -5.12
C GLU A 14 -17.17 -16.59 -4.23
N GLN A 15 -17.91 -16.02 -3.28
CA GLN A 15 -17.35 -15.05 -2.34
C GLN A 15 -16.33 -15.69 -1.41
N GLN A 16 -16.61 -16.94 -1.00
CA GLN A 16 -15.67 -17.72 -0.18
C GLN A 16 -14.41 -18.05 -0.97
N ARG A 17 -14.56 -18.29 -2.27
CA ARG A 17 -13.43 -18.55 -3.17
C ARG A 17 -12.54 -17.33 -3.32
N ILE A 18 -13.16 -16.17 -3.58
CA ILE A 18 -12.46 -14.90 -3.75
C ILE A 18 -11.57 -14.60 -2.54
N ILE A 19 -12.11 -14.75 -1.34
CA ILE A 19 -11.34 -14.58 -0.10
C ILE A 19 -10.15 -15.53 -0.06
N ALA A 20 -10.41 -16.82 -0.33
CA ALA A 20 -9.37 -17.85 -0.35
C ALA A 20 -8.25 -17.51 -1.32
N ILE A 21 -8.60 -17.09 -2.53
CA ILE A 21 -7.63 -16.68 -3.55
C ILE A 21 -6.80 -15.48 -3.11
N LEU A 22 -7.46 -14.47 -2.54
CA LEU A 22 -6.79 -13.25 -2.11
C LEU A 22 -5.90 -13.44 -0.89
N LEU A 23 -6.33 -14.29 0.05
CA LEU A 23 -5.50 -14.68 1.19
C LEU A 23 -4.28 -15.46 0.72
N ASP A 24 -4.49 -16.34 -0.25
CA ASP A 24 -3.42 -17.11 -0.88
C ASP A 24 -2.44 -16.19 -1.61
N ALA A 25 -2.98 -15.21 -2.34
CA ALA A 25 -2.18 -14.26 -3.10
C ALA A 25 -1.27 -13.41 -2.20
N HIS A 26 -1.80 -12.95 -1.08
CA HIS A 26 -1.04 -12.15 -0.12
C HIS A 26 0.06 -12.97 0.54
N HIS A 27 -0.26 -14.21 0.91
CA HIS A 27 0.72 -15.12 1.52
C HIS A 27 1.86 -15.46 0.56
N LYS A 28 1.55 -15.44 -0.73
CA LYS A 28 2.54 -15.66 -1.79
C LYS A 28 3.41 -14.42 -2.06
N THR A 29 2.90 -13.23 -1.73
CA THR A 29 3.57 -11.98 -2.09
C THR A 29 3.97 -11.07 -0.90
N TYR A 30 3.64 -11.47 0.32
CA TYR A 30 4.08 -10.75 1.51
C TYR A 30 4.83 -11.68 2.46
N ASP A 31 6.14 -11.46 2.57
CA ASP A 31 7.01 -12.21 3.46
C ASP A 31 7.01 -11.54 4.84
N PRO A 32 6.37 -12.17 5.83
CA PRO A 32 6.22 -11.58 7.17
C PRO A 32 7.50 -11.63 7.99
N THR A 33 8.55 -12.24 7.42
CA THR A 33 9.86 -12.34 8.08
C THR A 33 10.83 -11.30 7.53
N TYR A 34 10.51 -10.74 6.36
CA TYR A 34 11.30 -9.68 5.71
C TYR A 34 12.75 -10.12 5.45
N SER A 35 12.90 -11.35 4.95
CA SER A 35 14.20 -12.00 4.80
C SER A 35 14.94 -11.60 3.52
N ASP A 36 14.24 -10.97 2.59
CA ASP A 36 14.85 -10.48 1.35
C ASP A 36 15.51 -9.11 1.54
N PHE A 37 15.25 -8.50 2.70
CA PHE A 37 15.64 -7.10 2.96
C PHE A 37 17.15 -6.85 2.99
N CYS A 38 17.91 -7.87 3.37
CA CYS A 38 19.38 -7.77 3.40
C CYS A 38 19.98 -7.74 1.99
N GLN A 39 19.17 -8.09 1.00
CA GLN A 39 19.59 -8.09 -0.40
C GLN A 39 19.57 -6.68 -1.01
N PHE A 40 18.90 -5.76 -0.34
CA PHE A 40 18.85 -4.37 -0.78
C PHE A 40 20.17 -3.66 -0.52
N ARG A 41 20.37 -2.51 -1.16
CA ARG A 41 21.49 -1.64 -0.85
C ARG A 41 21.38 -1.23 0.63
N PRO A 42 22.52 -1.21 1.35
CA PRO A 42 22.47 -1.09 2.80
C PRO A 42 21.82 0.22 3.27
N PRO A 43 21.08 0.18 4.39
CA PRO A 43 20.58 1.41 4.99
C PRO A 43 21.73 2.20 5.63
N VAL A 44 21.88 3.46 5.24
CA VAL A 44 22.88 4.33 5.84
C VAL A 44 22.19 5.42 6.64
N ARG A 45 22.50 5.48 7.93
CA ARG A 45 21.97 6.49 8.82
C ARG A 45 23.09 7.38 9.34
N VAL A 46 22.88 8.69 9.29
CA VAL A 46 23.87 9.68 9.70
C VAL A 46 23.35 10.59 10.80
N ASN A 47 24.00 11.75 10.97
CA ASN A 47 23.59 12.76 11.93
C ASN A 47 22.62 13.74 11.29
N ASP A 48 21.50 14.03 11.95
CA ASP A 48 20.50 14.95 11.42
C ASP A 48 19.69 15.68 12.52
N GLY A 49 18.98 14.91 13.35
CA GLY A 49 18.17 15.49 14.42
C GLY A 49 16.70 15.14 14.31
N SER A 52 17.40 18.56 8.82
CA SER A 52 17.82 19.59 7.88
C SER A 52 17.55 19.17 6.43
N VAL A 53 16.62 19.89 5.79
CA VAL A 53 16.19 19.60 4.40
C VAL A 53 17.35 19.71 3.40
N THR A 54 18.22 20.68 3.61
CA THR A 54 19.42 20.86 2.79
C THR A 54 20.35 19.64 2.92
N LEU A 55 20.57 19.20 4.15
CA LEU A 55 21.37 18.01 4.43
C LEU A 55 20.71 16.75 3.87
N GLU A 56 19.39 16.66 4.01
CA GLU A 56 18.61 15.54 3.50
C GLU A 56 18.84 15.33 2.01
N LEU A 57 18.63 16.39 1.22
CA LEU A 57 18.76 16.32 -0.24
C LEU A 57 20.21 16.23 -0.69
N SER A 58 21.13 16.74 0.14
CA SER A 58 22.56 16.66 -0.14
C SER A 58 23.07 15.22 -0.03
N GLN A 59 22.62 14.51 0.99
CA GLN A 59 23.14 13.16 1.25
C GLN A 59 22.24 12.03 0.78
N LEU A 60 20.93 12.14 1.06
CA LEU A 60 19.94 11.11 0.71
C LEU A 60 20.40 9.69 1.07
N SER A 61 20.87 9.54 2.30
CA SER A 61 21.54 8.32 2.74
C SER A 61 20.63 7.09 2.81
N MET A 62 19.35 7.30 3.11
CA MET A 62 18.37 6.22 3.23
C MET A 62 17.61 5.95 1.93
N LEU A 63 17.85 6.77 0.91
CA LEU A 63 17.13 6.61 -0.37
C LEU A 63 17.44 5.30 -1.11
N PRO A 64 18.73 4.94 -1.27
CA PRO A 64 19.00 3.68 -1.99
C PRO A 64 18.34 2.45 -1.37
N HIS A 65 18.28 2.41 -0.04
CA HIS A 65 17.69 1.27 0.67
C HIS A 65 16.17 1.22 0.60
N LEU A 66 15.54 2.39 0.80
CA LEU A 66 14.09 2.49 0.77
C LEU A 66 13.54 2.47 -0.64
N ALA A 67 14.35 2.92 -1.61
CA ALA A 67 13.98 2.84 -3.02
C ALA A 67 14.04 1.40 -3.51
N ASP A 68 14.96 0.62 -2.96
CA ASP A 68 15.04 -0.80 -3.22
C ASP A 68 13.89 -1.55 -2.54
N LEU A 69 13.47 -1.06 -1.38
CA LEU A 69 12.34 -1.63 -0.65
C LEU A 69 11.01 -1.38 -1.37
N VAL A 70 10.79 -0.14 -1.79
CA VAL A 70 9.60 0.24 -2.55
C VAL A 70 9.53 -0.51 -3.89
N SER A 71 10.65 -0.52 -4.62
CA SER A 71 10.74 -1.24 -5.88
C SER A 71 10.33 -2.71 -5.70
N TYR A 72 10.97 -3.36 -4.72
CA TYR A 72 10.65 -4.73 -4.31
C TYR A 72 9.17 -4.90 -4.00
N SER A 73 8.62 -3.94 -3.26
CA SER A 73 7.20 -3.95 -2.90
C SER A 73 6.28 -3.77 -4.11
N ILE A 74 6.69 -2.93 -5.08
CA ILE A 74 5.94 -2.77 -6.32
C ILE A 74 5.82 -4.11 -7.05
N GLN A 75 6.95 -4.83 -7.16
CA GLN A 75 6.99 -6.15 -7.78
C GLN A 75 5.99 -7.11 -7.14
N LYS A 76 5.91 -7.06 -5.81
CA LYS A 76 5.00 -7.91 -5.04
C LYS A 76 3.54 -7.53 -5.27
N VAL A 77 3.27 -6.22 -5.31
CA VAL A 77 1.94 -5.70 -5.60
C VAL A 77 1.48 -6.12 -7.01
N ILE A 78 2.37 -5.98 -7.99
CA ILE A 78 2.13 -6.46 -9.36
C ILE A 78 1.71 -7.94 -9.35
N GLY A 79 2.51 -8.77 -8.68
CA GLY A 79 2.22 -10.19 -8.51
C GLY A 79 0.90 -10.45 -7.81
N PHE A 80 0.59 -9.63 -6.81
CA PHE A 80 -0.67 -9.73 -6.07
C PHE A 80 -1.88 -9.35 -6.94
N ALA A 81 -1.75 -8.26 -7.70
CA ALA A 81 -2.84 -7.78 -8.57
C ALA A 81 -3.25 -8.82 -9.62
N LYS A 82 -2.27 -9.49 -10.20
CA LYS A 82 -2.49 -10.51 -11.23
C LYS A 82 -3.29 -11.73 -10.70
N MET A 83 -3.40 -11.83 -9.39
CA MET A 83 -4.14 -12.92 -8.75
C MET A 83 -5.50 -12.48 -8.22
N ILE A 84 -5.82 -11.19 -8.37
CA ILE A 84 -7.15 -10.67 -8.05
C ILE A 84 -8.14 -11.26 -9.06
N PRO A 85 -9.25 -11.87 -8.55
CA PRO A 85 -10.28 -12.44 -9.42
C PRO A 85 -10.84 -11.40 -10.40
N GLY A 86 -10.58 -11.60 -11.69
CA GLY A 86 -11.09 -10.72 -12.74
C GLY A 86 -10.07 -9.74 -13.30
N PHE A 87 -8.96 -9.55 -12.60
CA PHE A 87 -7.94 -8.58 -13.01
C PHE A 87 -7.30 -8.92 -14.36
N ARG A 88 -7.10 -10.21 -14.62
CA ARG A 88 -6.54 -10.67 -15.89
C ARG A 88 -7.49 -10.47 -17.07
N ASP A 89 -8.79 -10.32 -16.79
CA ASP A 89 -9.81 -10.07 -17.80
C ASP A 89 -9.71 -8.68 -18.43
N LEU A 90 -9.14 -7.74 -17.67
CA LEU A 90 -8.91 -6.38 -18.15
C LEU A 90 -7.81 -6.35 -19.20
N THR A 91 -7.85 -5.35 -20.07
CA THR A 91 -6.79 -5.14 -21.07
C THR A 91 -5.51 -4.81 -20.34
N SER A 92 -4.39 -5.29 -20.87
CA SER A 92 -3.08 -5.06 -20.26
C SER A 92 -2.79 -3.56 -20.09
N GLU A 93 -3.35 -2.76 -21.00
CA GLU A 93 -3.27 -1.30 -20.90
C GLU A 93 -3.95 -0.77 -19.63
N ASP A 94 -5.14 -1.28 -19.35
CA ASP A 94 -5.87 -0.89 -18.13
C ASP A 94 -5.22 -1.43 -16.85
N GLN A 95 -4.67 -2.64 -16.93
CA GLN A 95 -3.95 -3.25 -15.81
C GLN A 95 -2.80 -2.38 -15.34
N ILE A 96 -2.05 -1.83 -16.30
CA ILE A 96 -0.89 -0.99 -15.99
C ILE A 96 -1.30 0.37 -15.45
N VAL A 97 -2.37 0.95 -15.99
CA VAL A 97 -2.90 2.22 -15.49
C VAL A 97 -3.31 2.08 -14.02
N LEU A 98 -3.96 0.96 -13.69
CA LEU A 98 -4.41 0.70 -12.33
C LEU A 98 -3.24 0.44 -11.37
N LEU A 99 -2.31 -0.41 -11.80
CA LEU A 99 -1.11 -0.71 -11.03
C LEU A 99 -0.25 0.52 -10.78
N LYS A 100 -0.13 1.36 -11.80
CA LYS A 100 0.77 2.52 -11.75
C LYS A 100 0.25 3.62 -10.84
N SER A 101 -1.08 3.74 -10.74
CA SER A 101 -1.69 4.77 -9.91
C SER A 101 -1.99 4.31 -8.48
N SER A 102 -2.10 3.00 -8.28
CA SER A 102 -2.38 2.44 -6.95
C SER A 102 -1.11 2.02 -6.19
N ALA A 103 -0.03 1.76 -6.92
CA ALA A 103 1.20 1.19 -6.35
C ALA A 103 1.57 1.74 -4.97
N ILE A 104 1.77 3.05 -4.88
CA ILE A 104 2.18 3.67 -3.62
C ILE A 104 1.12 3.54 -2.52
N GLU A 105 -0.15 3.57 -2.91
CA GLU A 105 -1.25 3.42 -1.96
C GLU A 105 -1.30 2.03 -1.36
N VAL A 106 -1.11 1.02 -2.21
CA VAL A 106 -1.10 -0.39 -1.77
C VAL A 106 0.14 -0.68 -0.92
N ILE A 107 1.26 -0.05 -1.25
CA ILE A 107 2.48 -0.12 -0.45
C ILE A 107 2.22 0.44 0.95
N MET A 108 1.52 1.56 1.02
CA MET A 108 1.14 2.16 2.30
C MET A 108 0.18 1.26 3.07
N LEU A 109 -0.77 0.65 2.36
CA LEU A 109 -1.71 -0.31 2.95
C LEU A 109 -1.00 -1.55 3.49
N ARG A 110 -0.20 -2.21 2.66
CA ARG A 110 0.45 -3.46 3.05
C ARG A 110 1.50 -3.25 4.14
N SER A 111 2.09 -2.06 4.18
CA SER A 111 3.13 -1.72 5.17
C SER A 111 2.59 -1.71 6.59
N ASN A 112 1.27 -1.71 6.74
CA ASN A 112 0.61 -1.74 8.04
C ASN A 112 0.94 -3.00 8.85
N GLU A 113 1.19 -4.09 8.12
CA GLU A 113 1.53 -5.37 8.74
C GLU A 113 2.87 -5.31 9.49
N SER A 114 3.75 -4.42 9.04
CA SER A 114 5.05 -4.23 9.70
C SER A 114 5.02 -3.06 10.69
N PHE A 115 4.09 -2.13 10.48
CA PHE A 115 3.94 -0.98 11.37
C PHE A 115 3.54 -1.44 12.77
N THR A 116 4.21 -0.87 13.77
CA THR A 116 3.88 -1.16 15.17
C THR A 116 3.64 0.11 15.98
N MET A 117 2.60 0.05 16.82
CA MET A 117 2.23 1.19 17.66
C MET A 117 3.01 1.24 18.97
N ASP A 118 3.97 0.33 19.13
CA ASP A 118 4.89 0.34 20.27
C ASP A 118 5.75 1.61 20.27
N ASP A 119 6.26 1.98 19.10
CA ASP A 119 7.14 3.14 18.95
C ASP A 119 6.84 3.96 17.70
N MET A 120 5.74 3.62 17.03
CA MET A 120 5.29 4.28 15.80
C MET A 120 6.30 4.16 14.66
N SER A 121 6.80 2.94 14.46
CA SER A 121 7.75 2.65 13.39
C SER A 121 7.30 1.47 12.55
N TRP A 122 7.96 1.27 11.41
CA TRP A 122 7.83 0.04 10.64
C TRP A 122 8.96 -0.89 11.07
N THR A 123 8.63 -1.88 11.88
CA THR A 123 9.64 -2.80 12.40
C THR A 123 9.71 -4.08 11.56
N CYS A 124 10.71 -4.15 10.70
CA CYS A 124 10.96 -5.31 9.88
C CYS A 124 12.16 -6.10 10.41
N GLY A 125 12.18 -6.29 11.72
CA GLY A 125 13.25 -6.98 12.42
C GLY A 125 14.34 -6.03 12.88
N ASN A 126 15.43 -6.59 13.40
CA ASN A 126 16.69 -5.87 13.62
C ASN A 126 16.64 -4.48 14.26
N GLN A 127 17.65 -3.70 13.90
CA GLN A 127 17.79 -2.30 14.27
C GLN A 127 17.98 -1.56 12.95
N ASP A 128 18.57 -2.25 11.98
CA ASP A 128 18.80 -1.74 10.63
C ASP A 128 17.50 -1.63 9.85
N TYR A 129 16.62 -2.61 10.02
CA TYR A 129 15.37 -2.68 9.26
C TYR A 129 14.16 -2.17 10.05
N LYS A 130 14.43 -1.41 11.10
CA LYS A 130 13.42 -0.63 11.78
C LYS A 130 13.40 0.76 11.14
N TYR A 131 12.26 1.16 10.59
CA TYR A 131 12.15 2.43 9.88
C TYR A 131 11.33 3.47 10.65
N ARG A 132 12.03 4.47 11.18
CA ARG A 132 11.38 5.60 11.87
C ARG A 132 11.06 6.72 10.89
N VAL A 133 10.37 7.75 11.40
CA VAL A 133 10.09 8.99 10.67
C VAL A 133 11.38 9.64 10.16
N SER A 134 12.42 9.62 11.01
CA SER A 134 13.72 10.19 10.68
C SER A 134 14.36 9.53 9.45
N ASP A 135 14.17 8.22 9.32
CA ASP A 135 14.66 7.48 8.16
C ASP A 135 14.02 7.95 6.85
N VAL A 136 12.72 8.25 6.90
CA VAL A 136 11.98 8.66 5.71
C VAL A 136 12.35 10.08 5.27
N THR A 137 12.70 10.95 6.23
CA THR A 137 13.24 12.27 5.91
C THR A 137 14.64 12.16 5.30
N LYS A 138 15.45 11.22 5.83
CA LYS A 138 16.77 10.89 5.30
C LYS A 138 16.71 10.35 3.86
N ALA A 139 15.52 9.98 3.41
CA ALA A 139 15.30 9.57 2.03
C ALA A 139 14.78 10.73 1.16
N GLY A 140 14.65 11.91 1.76
CA GLY A 140 14.30 13.13 1.02
C GLY A 140 12.83 13.50 0.99
N PHE A 141 12.06 13.01 1.96
CA PHE A 141 10.64 13.30 2.05
C PHE A 141 10.32 14.15 3.27
N SER A 142 9.38 15.09 3.11
CA SER A 142 9.04 16.03 4.19
C SER A 142 7.89 15.56 5.08
N LEU A 143 7.72 16.25 6.21
CA LEU A 143 6.70 15.94 7.21
C LEU A 143 5.27 16.11 6.68
N GLU A 144 5.12 16.83 5.58
CA GLU A 144 3.82 16.99 4.90
C GLU A 144 3.25 15.64 4.44
N LEU A 145 4.13 14.69 4.17
CA LEU A 145 3.72 13.33 3.79
C LEU A 145 3.78 12.36 4.96
N ILE A 146 4.86 12.44 5.75
CA ILE A 146 5.16 11.43 6.77
C ILE A 146 4.20 11.47 7.98
N GLU A 147 3.90 12.67 8.49
CA GLU A 147 3.00 12.80 9.63
C GLU A 147 1.56 12.34 9.36
N PRO A 148 0.98 12.71 8.19
CA PRO A 148 -0.31 12.11 7.82
C PRO A 148 -0.23 10.62 7.50
N LEU A 149 0.94 10.15 7.06
CA LEU A 149 1.14 8.72 6.81
C LEU A 149 1.10 7.91 8.09
N ILE A 150 1.81 8.38 9.12
CA ILE A 150 1.81 7.76 10.45
C ILE A 150 0.41 7.77 11.03
N LYS A 151 -0.29 8.89 10.85
CA LYS A 151 -1.67 9.06 11.29
C LYS A 151 -2.60 8.06 10.60
N PHE A 152 -2.39 7.85 9.30
CA PHE A 152 -3.12 6.84 8.53
C PHE A 152 -2.82 5.43 9.04
N GLN A 153 -1.56 5.17 9.34
CA GLN A 153 -1.11 3.85 9.79
C GLN A 153 -1.76 3.48 11.12
N VAL A 154 -1.83 4.44 12.03
CA VAL A 154 -2.44 4.26 13.34
C VAL A 154 -3.94 4.03 13.20
N GLY A 155 -4.60 4.90 12.43
CA GLY A 155 -6.03 4.79 12.16
C GLY A 155 -6.42 3.44 11.60
N LEU A 156 -5.58 2.92 10.69
CA LEU A 156 -5.80 1.62 10.06
C LEU A 156 -5.55 0.47 11.03
N LYS A 157 -4.54 0.65 11.90
CA LYS A 157 -4.20 -0.36 12.90
C LYS A 157 -5.31 -0.53 13.93
N LYS A 158 -5.95 0.58 14.30
CA LYS A 158 -7.02 0.58 15.31
C LYS A 158 -8.33 -0.02 14.79
N LEU A 159 -8.41 -0.21 13.48
CA LEU A 159 -9.57 -0.89 12.89
C LEU A 159 -9.54 -2.40 13.17
N ASN A 160 -8.37 -2.90 13.57
CA ASN A 160 -8.15 -4.31 13.90
C ASN A 160 -8.73 -5.22 12.83
N LEU A 161 -8.35 -4.96 11.59
CA LEU A 161 -8.88 -5.69 10.44
C LEU A 161 -8.46 -7.14 10.45
N HIS A 162 -9.40 -8.01 10.11
CA HIS A 162 -9.10 -9.39 9.80
C HIS A 162 -8.26 -9.40 8.53
N GLU A 163 -7.37 -10.39 8.38
CA GLU A 163 -6.56 -10.47 7.18
C GLU A 163 -7.41 -10.49 5.90
N GLU A 164 -8.57 -11.12 5.99
CA GLU A 164 -9.56 -11.15 4.91
C GLU A 164 -9.97 -9.74 4.49
N GLU A 165 -10.29 -8.90 5.47
CA GLU A 165 -10.66 -7.50 5.23
C GLU A 165 -9.47 -6.69 4.71
N HIS A 166 -8.29 -7.02 5.22
CA HIS A 166 -7.05 -6.36 4.82
C HIS A 166 -6.70 -6.63 3.35
N VAL A 167 -6.85 -7.87 2.90
CA VAL A 167 -6.54 -8.23 1.51
C VAL A 167 -7.60 -7.77 0.51
N LEU A 168 -8.85 -7.69 0.95
CA LEU A 168 -9.94 -7.20 0.12
C LEU A 168 -9.82 -5.70 -0.13
N LEU A 169 -9.41 -4.96 0.91
CA LEU A 169 -9.21 -3.51 0.83
C LEU A 169 -8.12 -3.14 -0.17
N MET A 170 -7.02 -3.92 -0.19
CA MET A 170 -5.95 -3.74 -1.16
C MET A 170 -6.44 -4.03 -2.58
N ALA A 171 -7.24 -5.08 -2.73
CA ALA A 171 -7.82 -5.44 -4.03
C ALA A 171 -8.76 -4.36 -4.55
N ILE A 172 -9.60 -3.83 -3.66
CA ILE A 172 -10.52 -2.74 -3.98
C ILE A 172 -9.74 -1.48 -4.37
N CYS A 173 -8.68 -1.19 -3.62
CA CYS A 173 -7.79 -0.07 -3.90
C CYS A 173 -7.22 -0.12 -5.32
N ILE A 174 -6.76 -1.29 -5.74
CA ILE A 174 -6.15 -1.49 -7.06
C ILE A 174 -7.20 -1.37 -8.18
N VAL A 175 -8.27 -2.15 -8.05
CA VAL A 175 -9.33 -2.17 -9.05
C VAL A 175 -10.33 -1.04 -8.80
N SER A 176 -9.94 0.18 -9.18
CA SER A 176 -10.77 1.37 -8.98
C SER A 176 -11.11 2.03 -10.31
N PRO A 177 -12.42 2.16 -10.61
CA PRO A 177 -12.87 2.77 -11.86
C PRO A 177 -12.54 4.25 -11.98
N ASP A 178 -12.39 4.93 -10.85
CA ASP A 178 -12.13 6.37 -10.82
C ASP A 178 -10.62 6.69 -10.75
N ARG A 179 -9.87 6.15 -11.71
CA ARG A 179 -8.45 6.43 -11.83
C ARG A 179 -8.20 7.10 -13.19
N PRO A 180 -7.30 8.09 -13.24
CA PRO A 180 -7.07 8.82 -14.49
C PRO A 180 -6.41 7.94 -15.56
N GLY A 181 -7.03 7.88 -16.74
CA GLY A 181 -6.47 7.15 -17.88
C GLY A 181 -7.09 5.79 -18.16
N VAL A 182 -8.18 5.46 -17.45
CA VAL A 182 -8.81 4.14 -17.59
C VAL A 182 -9.75 4.05 -18.80
N GLN A 183 -9.68 2.93 -19.50
CA GLN A 183 -10.52 2.66 -20.66
C GLN A 183 -11.89 2.09 -20.26
N ASP A 184 -11.95 0.79 -20.00
CA ASP A 184 -13.21 0.13 -19.66
C ASP A 184 -13.53 0.29 -18.19
N ALA A 185 -14.00 1.49 -17.82
CA ALA A 185 -14.38 1.82 -16.44
C ALA A 185 -15.55 0.98 -15.95
N ALA A 186 -16.40 0.54 -16.88
CA ALA A 186 -17.53 -0.34 -16.58
C ALA A 186 -17.09 -1.72 -16.11
N LEU A 187 -16.02 -2.23 -16.72
CA LEU A 187 -15.46 -3.54 -16.34
C LEU A 187 -14.77 -3.47 -14.99
N ILE A 188 -13.99 -2.41 -14.77
CA ILE A 188 -13.26 -2.21 -13.52
C ILE A 188 -14.25 -2.08 -12.34
N GLU A 189 -15.29 -1.29 -12.53
CA GLU A 189 -16.33 -1.10 -11.52
C GLU A 189 -17.06 -2.42 -11.21
N ALA A 190 -17.26 -3.24 -12.24
CA ALA A 190 -17.91 -4.54 -12.09
C ALA A 190 -17.08 -5.50 -11.22
N ILE A 191 -15.76 -5.48 -11.43
CA ILE A 191 -14.84 -6.29 -10.63
C ILE A 191 -14.76 -5.77 -9.20
N GLN A 192 -14.67 -4.45 -9.05
CA GLN A 192 -14.62 -3.82 -7.73
C GLN A 192 -15.87 -4.10 -6.91
N ASP A 193 -17.04 -4.00 -7.56
CA ASP A 193 -18.32 -4.27 -6.90
C ASP A 193 -18.38 -5.68 -6.35
N ARG A 194 -17.82 -6.63 -7.10
CA ARG A 194 -17.75 -8.04 -6.69
C ARG A 194 -16.89 -8.19 -5.43
N LEU A 195 -15.79 -7.44 -5.39
CA LEU A 195 -14.90 -7.43 -4.23
C LEU A 195 -15.54 -6.70 -3.05
N SER A 196 -16.26 -5.62 -3.34
CA SER A 196 -16.90 -4.79 -2.32
C SER A 196 -18.05 -5.50 -1.62
N ASN A 197 -18.91 -6.17 -2.40
CA ASN A 197 -19.99 -6.99 -1.86
C ASN A 197 -19.45 -8.09 -0.95
N THR A 198 -18.37 -8.73 -1.39
CA THR A 198 -17.68 -9.75 -0.60
C THR A 198 -17.23 -9.17 0.75
N LEU A 199 -16.65 -7.97 0.71
CA LEU A 199 -16.20 -7.28 1.92
C LEU A 199 -17.36 -6.93 2.85
N GLN A 200 -18.39 -6.31 2.28
CA GLN A 200 -19.60 -5.93 3.02
C GLN A 200 -20.27 -7.13 3.65
N THR A 201 -20.39 -8.22 2.90
CA THR A 201 -20.96 -9.48 3.40
C THR A 201 -20.09 -10.09 4.51
N TYR A 202 -18.76 -10.06 4.32
CA TYR A 202 -17.84 -10.61 5.30
C TYR A 202 -17.95 -9.91 6.65
N ILE A 203 -17.95 -8.58 6.63
CA ILE A 203 -18.05 -7.76 7.84
C ILE A 203 -19.34 -8.06 8.62
N ARG A 204 -20.47 -8.09 7.90
CA ARG A 204 -21.78 -8.28 8.51
C ARG A 204 -22.03 -9.64 9.17
N CYS A 205 -21.34 -10.68 8.71
CA CYS A 205 -21.56 -12.03 9.25
C CYS A 205 -20.32 -12.69 9.87
N ARG A 206 -19.23 -11.94 9.99
CA ARG A 206 -17.99 -12.47 10.58
C ARG A 206 -17.38 -11.58 11.64
N HIS A 207 -17.68 -10.29 11.59
CA HIS A 207 -17.08 -9.33 12.53
C HIS A 207 -17.95 -9.13 13.77
N PRO A 208 -17.37 -9.37 14.96
CA PRO A 208 -18.05 -9.16 16.25
C PRO A 208 -18.00 -7.70 16.73
N PRO A 209 -19.03 -7.27 17.49
CA PRO A 209 -19.08 -5.92 18.06
C PRO A 209 -17.99 -5.65 19.10
N PRO A 210 -17.64 -4.37 19.34
CA PRO A 210 -18.16 -3.17 18.68
C PRO A 210 -17.35 -2.74 17.44
N GLY A 211 -16.43 -3.60 17.01
CA GLY A 211 -15.57 -3.31 15.85
C GLY A 211 -16.25 -3.50 14.50
N SER A 212 -17.45 -4.10 14.52
CA SER A 212 -18.22 -4.36 13.30
C SER A 212 -19.03 -3.15 12.84
N HIS A 213 -19.52 -2.38 13.80
CA HIS A 213 -20.39 -1.24 13.52
C HIS A 213 -19.67 -0.16 12.69
N LEU A 214 -20.25 0.15 11.54
CA LEU A 214 -19.75 1.20 10.63
C LEU A 214 -18.34 0.95 10.08
N LEU A 215 -17.90 -0.30 10.14
CA LEU A 215 -16.53 -0.66 9.73
C LEU A 215 -16.26 -0.44 8.24
N TYR A 216 -17.23 -0.79 7.39
CA TYR A 216 -17.08 -0.61 5.95
C TYR A 216 -16.89 0.85 5.55
N ALA A 217 -17.66 1.74 6.17
CA ALA A 217 -17.54 3.18 5.91
C ALA A 217 -16.16 3.70 6.32
N LYS A 218 -15.63 3.18 7.44
CA LYS A 218 -14.30 3.53 7.92
C LYS A 218 -13.22 3.06 6.95
N MET A 219 -13.47 1.91 6.30
CA MET A 219 -12.53 1.35 5.33
C MET A 219 -12.55 2.14 4.01
N ILE A 220 -13.74 2.58 3.61
CA ILE A 220 -13.90 3.42 2.42
C ILE A 220 -13.22 4.78 2.63
N GLN A 221 -13.27 5.27 3.86
CA GLN A 221 -12.62 6.53 4.25
C GLN A 221 -11.09 6.42 4.16
N LYS A 222 -10.56 5.26 4.52
CA LYS A 222 -9.12 5.01 4.44
C LYS A 222 -8.62 5.04 2.98
N LEU A 223 -9.47 4.59 2.07
CA LEU A 223 -9.18 4.67 0.64
C LEU A 223 -9.12 6.12 0.17
N ALA A 224 -9.94 6.97 0.77
CA ALA A 224 -9.94 8.40 0.46
C ALA A 224 -8.69 9.08 1.03
N ASP A 225 -8.26 8.63 2.20
CA ASP A 225 -7.00 9.10 2.81
C ASP A 225 -5.80 8.73 1.94
N LEU A 226 -5.87 7.54 1.34
CA LEU A 226 -4.84 7.06 0.40
C LEU A 226 -4.70 7.94 -0.84
N ARG A 227 -5.82 8.51 -1.30
CA ARG A 227 -5.81 9.43 -2.43
C ARG A 227 -5.06 10.72 -2.09
N SER A 228 -5.27 11.22 -0.88
CA SER A 228 -4.59 12.42 -0.39
C SER A 228 -3.09 12.21 -0.24
N LEU A 229 -2.71 11.07 0.33
CA LEU A 229 -1.30 10.73 0.50
C LEU A 229 -0.60 10.57 -0.85
N ASN A 230 -1.29 9.95 -1.80
CA ASN A 230 -0.81 9.78 -3.17
C ASN A 230 -0.61 11.13 -3.87
N GLU A 231 -1.53 12.05 -3.63
CA GLU A 231 -1.45 13.41 -4.16
C GLU A 231 -0.20 14.12 -3.62
N GLU A 232 0.03 13.98 -2.31
CA GLU A 232 1.18 14.60 -1.65
C GLU A 232 2.49 13.91 -2.00
N PHE A 233 2.46 12.57 -2.05
CA PHE A 233 3.63 11.78 -2.44
C PHE A 233 4.09 12.14 -3.85
N SER A 234 3.14 12.29 -4.76
CA SER A 234 3.44 12.64 -6.15
C SER A 234 4.19 13.96 -6.25
N LYS A 235 3.75 14.95 -5.48
CA LYS A 235 4.41 16.26 -5.42
C LYS A 235 5.85 16.10 -4.95
N GLN A 236 6.02 15.37 -3.85
CA GLN A 236 7.33 15.19 -3.22
C GLN A 236 8.29 14.35 -4.03
N TYR A 237 7.77 13.38 -4.78
CA TYR A 237 8.59 12.58 -5.68
C TYR A 237 9.11 13.43 -6.83
N ARG A 238 8.23 14.27 -7.37
CA ARG A 238 8.56 15.21 -8.45
C ARG A 238 9.68 16.15 -8.00
N CYS A 239 9.54 16.68 -6.79
CA CYS A 239 10.55 17.52 -6.16
C CYS A 239 11.86 16.76 -5.95
N LEU A 240 11.77 15.51 -5.51
CA LEU A 240 12.94 14.66 -5.27
C LEU A 240 13.69 14.32 -6.57
N SER A 241 12.93 14.16 -7.67
CA SER A 241 13.53 13.81 -8.96
C SER A 241 14.34 14.97 -9.56
N PHE A 242 14.13 16.17 -9.03
CA PHE A 242 14.88 17.36 -9.44
C PHE A 242 16.31 17.36 -8.89
N GLN A 243 16.55 16.54 -7.88
CA GLN A 243 17.88 16.40 -7.31
C GLN A 243 18.80 15.66 -8.29
N PRO A 244 19.94 16.27 -8.63
CA PRO A 244 20.92 15.64 -9.54
C PRO A 244 21.46 14.31 -9.00
N GLU A 245 21.71 13.38 -9.92
CA GLU A 245 22.20 12.02 -9.60
C GLU A 245 21.25 11.26 -8.66
N CYS A 246 19.96 11.55 -8.78
CA CYS A 246 18.91 10.94 -7.97
C CYS A 246 18.47 9.59 -8.54
N SER A 247 18.49 9.49 -9.87
CA SER A 247 18.01 8.30 -10.58
C SER A 247 18.77 7.03 -10.19
N MET A 248 20.08 7.18 -9.92
CA MET A 248 20.94 6.08 -9.52
C MET A 248 20.51 5.51 -8.17
N LYS A 249 20.04 6.39 -7.28
CA LYS A 249 19.57 6.00 -5.96
C LYS A 249 18.22 5.28 -6.03
N LEU A 250 17.47 5.53 -7.10
CA LEU A 250 16.20 4.86 -7.34
C LEU A 250 16.42 3.62 -8.22
N THR A 251 15.34 3.07 -8.77
CA THR A 251 15.42 1.91 -9.66
C THR A 251 14.66 2.19 -10.95
N PRO A 252 15.04 1.51 -12.05
CA PRO A 252 14.29 1.60 -13.32
C PRO A 252 12.78 1.41 -13.16
N LEU A 253 12.37 0.57 -12.20
CA LEU A 253 10.96 0.30 -11.95
C LEU A 253 10.27 1.45 -11.22
N VAL A 254 10.94 1.99 -10.19
CA VAL A 254 10.44 3.13 -9.44
C VAL A 254 10.31 4.38 -10.34
N LEU A 255 11.29 4.55 -11.23
CA LEU A 255 11.31 5.68 -12.16
C LEU A 255 10.14 5.67 -13.14
N GLU A 256 9.75 4.49 -13.61
CA GLU A 256 8.64 4.36 -14.55
C GLU A 256 7.27 4.50 -13.89
N VAL A 257 7.07 3.79 -12.78
CA VAL A 257 5.79 3.78 -12.06
C VAL A 257 5.41 5.17 -11.54
N PHE A 258 6.38 5.88 -10.96
CA PHE A 258 6.13 7.20 -10.38
C PHE A 258 6.44 8.36 -11.34
N GLY A 259 7.19 8.08 -12.40
CA GLY A 259 7.50 9.08 -13.42
C GLY A 259 6.52 9.04 -14.59
O21 TEJ B . 10.12 5.72 -3.42
C17 TEJ B . 10.02 5.99 -2.24
C18 TEJ B . 11.00 5.93 -1.35
C20 TEJ B . 12.27 5.74 -1.63
C19 TEJ B . 10.46 6.12 0.04
C15 TEJ B . 9.00 6.48 -0.21
O16 TEJ B . 8.76 6.39 -1.62
C12 TEJ B . 8.11 5.48 0.51
C10 TEJ B . 7.07 6.05 1.49
C11 TEJ B . 7.43 7.45 2.00
C7 TEJ B . 6.69 5.13 2.66
C8 TEJ B . 5.36 4.41 2.40
C9 TEJ B . 5.38 3.13 3.25
C5 TEJ B . 6.65 3.27 4.07
C6 TEJ B . 7.65 4.04 3.20
C22 TEJ B . 8.29 3.17 2.10
C4 TEJ B . 7.31 2.05 4.65
C3 TEJ B . 8.50 2.32 5.55
C2 TEJ B . 9.42 3.41 4.97
C1 TEJ B . 8.75 4.55 4.16
C23 TEJ B . 6.84 0.81 4.37
C24 TEJ B . 7.39 -0.44 4.89
C25 TEJ B . 7.36 -1.63 4.22
C26 TEJ B . 7.95 -2.85 4.89
C27 TEJ B . 6.96 -4.03 4.74
O34 TEJ B . 5.80 -3.79 5.55
C73 TEJ B . 6.54 -4.23 3.29
C29 TEJ B . 5.88 -3.00 2.68
O32 TEJ B . 5.62 -3.22 1.29
C30 TEJ B . 6.79 -1.82 2.88
C31 TEJ B . 7.10 -1.04 1.86
#